data_4RUM
#
_entry.id   4RUM
#
_cell.length_a   95.790
_cell.length_b   95.790
_cell.length_c   229.986
_cell.angle_alpha   90.00
_cell.angle_beta   90.00
_cell.angle_gamma   90.00
#
_symmetry.space_group_name_H-M   'I 4 2 2'
#
loop_
_entity.id
_entity.type
_entity.pdbx_description
1 polymer 'NiCo riboswitch RNA'
2 non-polymer 'POTASSIUM ION'
3 non-polymer 'COBALT (II) ION'
4 non-polymer 'MAGNESIUM ION'
5 non-polymer 'STRONTIUM ION'
6 non-polymer GLYCEROL
7 water water
#
_entity_poly.entity_id   1
_entity_poly.type   'polyribonucleotide'
_entity_poly.pdbx_seq_one_letter_code
;(GTP)GGAACUGAGCAGGCAAUGACCAGAGCGGUCAUGCAGCCGGGCUGCGAAAGCGGCAACAGAUGAUUACACGCACAU
CUGUGGGACAGUUCCCAC
;
_entity_poly.pdbx_strand_id   A
#
loop_
_chem_comp.id
_chem_comp.type
_chem_comp.name
_chem_comp.formula
A RNA linking ADENOSINE-5'-MONOPHOSPHATE 'C10 H14 N5 O7 P'
C RNA linking CYTIDINE-5'-MONOPHOSPHATE 'C9 H14 N3 O8 P'
CO non-polymer 'COBALT (II) ION' 'Co 2'
G RNA linking GUANOSINE-5'-MONOPHOSPHATE 'C10 H14 N5 O8 P'
GOL non-polymer GLYCEROL 'C3 H8 O3'
GTP non-polymer GUANOSINE-5'-TRIPHOSPHATE 'C10 H16 N5 O14 P3'
K non-polymer 'POTASSIUM ION' 'K 1'
MG non-polymer 'MAGNESIUM ION' 'Mg 2'
SR non-polymer 'STRONTIUM ION' 'Sr 2'
U RNA linking URIDINE-5'-MONOPHOSPHATE 'C9 H13 N2 O9 P'
#
# COMPACT_ATOMS: atom_id res chain seq x y z
PG GTP A 1 4.42 0.11 13.64
O1G GTP A 1 5.52 0.26 12.62
O2G GTP A 1 4.45 1.12 14.77
O3G GTP A 1 4.48 -1.28 14.20
O3B GTP A 1 3.02 0.31 12.90
PB GTP A 1 2.76 -0.15 11.42
O1B GTP A 1 3.85 -1.02 10.85
O2B GTP A 1 1.47 -0.98 11.47
O3A GTP A 1 2.66 1.16 10.53
PA GTP A 1 1.42 1.69 9.73
O1A GTP A 1 0.58 0.53 9.29
O2A GTP A 1 0.60 2.63 10.64
O5' GTP A 1 1.97 2.46 8.45
C5' GTP A 1 1.85 3.86 8.36
C4' GTP A 1 2.76 4.33 7.28
O4' GTP A 1 4.05 4.67 7.87
C3' GTP A 1 3.07 3.21 6.36
O3' GTP A 1 2.13 3.14 5.31
C2' GTP A 1 4.43 3.52 5.87
O2' GTP A 1 4.44 4.46 4.83
C1' GTP A 1 5.10 4.07 7.09
N9 GTP A 1 5.63 2.92 7.72
C8 GTP A 1 5.08 2.28 8.78
N7 GTP A 1 5.83 1.22 9.10
C5 GTP A 1 6.86 1.15 8.20
C6 GTP A 1 7.96 0.25 8.02
O6 GTP A 1 8.13 -0.85 8.87
N1 GTP A 1 8.82 0.50 6.97
C2 GTP A 1 8.65 1.52 6.16
N2 GTP A 1 9.61 1.73 5.08
N3 GTP A 1 7.62 2.40 6.31
C4 GTP A 1 6.72 2.23 7.31
K K B . 1.33 6.50 -27.49
K K C . -7.93 -2.29 -15.62
K K D . -1.20 -0.96 11.11
K K E . -33.21 -19.68 -4.58
K K F . 2.49 -23.84 -22.00
K K G . -12.77 -10.42 -21.25
K K H . -10.68 -22.44 5.88
CO CO I . -6.88 -9.97 -8.96
CO CO J . -11.85 -7.05 -3.77
CO CO K . -11.27 -15.09 3.75
CO CO L . -19.96 -10.65 2.96
MG MG M . -23.64 -16.77 15.35
MG MG N . -8.07 3.85 -13.73
SR SR O . 6.42 -0.98 10.63
C1 GOL P . 0.46 6.00 -16.00
O1 GOL P . 0.75 6.81 -17.14
C2 GOL P . -1.01 5.57 -15.97
O2 GOL P . -1.18 4.34 -16.63
C3 GOL P . -1.53 5.41 -14.55
O3 GOL P . -2.57 4.44 -14.53
H11 GOL P . 1.10 5.12 -16.01
H12 GOL P . 0.69 6.57 -15.09
HO1 GOL P . 1.67 7.12 -17.10
H2 GOL P . -1.60 6.34 -16.47
HO2 GOL P . -0.68 3.64 -16.17
H31 GOL P . -0.71 5.08 -13.89
H32 GOL P . -1.90 6.36 -14.18
HO3 GOL P . -2.19 3.54 -14.56
#